data_6JJZ
#
_entry.id   6JJZ
#
_cell.length_a   46.899
_cell.length_b   58.582
_cell.length_c   86.298
_cell.angle_alpha   90.00
_cell.angle_beta   90.00
_cell.angle_gamma   90.00
#
_symmetry.space_group_name_H-M   'P 21 21 21'
#
loop_
_entity.id
_entity.type
_entity.pdbx_description
1 polymer 'Membrane-associated guanylate kinase, WW and PDZ domain-containing protein 2'
2 polymer 'Peptide from Dendrin'
3 non-polymer 'ACETATE ION'
4 non-polymer 'SULFATE ION'
5 water water
#
loop_
_entity_poly.entity_id
_entity_poly.type
_entity_poly.pdbx_seq_one_letter_code
_entity_poly.pdbx_strand_id
1 'polypeptide(L)'
;GPGSEFEENEDSDPLPDNWEMAYTEKGEVYFIDHNTKTTSWLDPRLAKKAKPPEECKENELPYGWEKIDDPIYGTYYVDH
INRRTQFENPVLEAKRKLQQHN
;
A,B
2 'polypeptide(L)' GPGSDRPPPYVAPPSYEG C,D
#
loop_
_chem_comp.id
_chem_comp.type
_chem_comp.name
_chem_comp.formula
ACT non-polymer 'ACETATE ION' 'C2 H3 O2 -1'
SO4 non-polymer 'SULFATE ION' 'O4 S -2'
#
# COMPACT_ATOMS: atom_id res chain seq x y z
N SER A 12 -13.80 -6.60 1.38
CA SER A 12 -13.45 -7.01 0.03
C SER A 12 -11.96 -6.81 -0.27
N ASP A 13 -11.12 -7.60 0.37
CA ASP A 13 -9.68 -7.58 0.09
C ASP A 13 -9.27 -8.43 -1.13
N PRO A 14 -9.81 -9.66 -1.29
CA PRO A 14 -9.21 -10.50 -2.32
C PRO A 14 -9.34 -9.99 -3.75
N LEU A 15 -8.31 -10.23 -4.54
CA LEU A 15 -8.37 -10.06 -5.98
C LEU A 15 -9.22 -11.18 -6.55
N PRO A 16 -9.72 -11.01 -7.78
CA PRO A 16 -10.41 -12.11 -8.45
C PRO A 16 -9.51 -13.33 -8.58
N ASP A 17 -10.10 -14.49 -8.74
CA ASP A 17 -9.35 -15.72 -8.91
C ASP A 17 -8.35 -15.61 -10.05
N ASN A 18 -7.14 -16.08 -9.79
CA ASN A 18 -6.05 -16.17 -10.76
C ASN A 18 -5.44 -14.80 -11.07
N TRP A 19 -5.61 -13.85 -10.16
CA TRP A 19 -4.92 -12.57 -10.25
C TRP A 19 -3.85 -12.46 -9.17
N GLU A 20 -2.83 -11.65 -9.45
CA GLU A 20 -1.86 -11.25 -8.44
C GLU A 20 -1.66 -9.74 -8.49
N MET A 21 -0.98 -9.18 -7.50
CA MET A 21 -0.56 -7.79 -7.58
C MET A 21 0.92 -7.74 -7.26
N ALA A 22 1.62 -6.80 -7.86
CA ALA A 22 3.06 -6.69 -7.69
C ALA A 22 3.50 -5.24 -7.83
N TYR A 23 4.80 -5.00 -7.61
CA TYR A 23 5.31 -3.62 -7.54
C TYR A 23 6.53 -3.40 -8.42
N THR A 24 6.58 -2.23 -9.06
CA THR A 24 7.71 -1.84 -9.88
C THR A 24 8.85 -1.44 -8.95
N GLU A 25 10.03 -1.18 -9.51
CA GLU A 25 11.16 -0.75 -8.70
C GLU A 25 10.92 0.62 -8.08
N LYS A 26 9.91 1.32 -8.60
CA LYS A 26 9.56 2.64 -8.09
C LYS A 26 8.46 2.53 -7.04
N GLY A 27 8.08 1.29 -6.73
CA GLY A 27 7.07 1.03 -5.72
C GLY A 27 5.63 1.18 -6.20
N GLU A 28 5.44 1.18 -7.53
CA GLU A 28 4.12 1.37 -8.12
C GLU A 28 3.41 0.03 -8.21
N VAL A 29 2.18 -0.03 -7.72
CA VAL A 29 1.44 -1.28 -7.78
C VAL A 29 0.87 -1.51 -9.17
N TYR A 30 0.84 -2.77 -9.59
CA TYR A 30 0.13 -3.14 -10.81
C TYR A 30 -0.48 -4.52 -10.64
N PHE A 31 -1.34 -4.90 -11.56
CA PHE A 31 -2.13 -6.11 -11.38
C PHE A 31 -1.89 -7.10 -12.48
N ILE A 32 -1.81 -8.38 -12.09
CA ILE A 32 -1.44 -9.46 -12.98
C ILE A 32 -2.63 -10.39 -13.15
N ASP A 33 -3.11 -10.48 -14.39
CA ASP A 33 -4.25 -11.32 -14.73
C ASP A 33 -3.80 -12.60 -15.44
N HIS A 34 -3.68 -13.68 -14.68
CA HIS A 34 -3.25 -14.96 -15.25
C HIS A 34 -4.30 -15.59 -16.17
N ASN A 35 -5.54 -15.08 -16.11
CA ASN A 35 -6.59 -15.60 -16.97
C ASN A 35 -6.33 -15.28 -18.44
N THR A 36 -5.75 -14.12 -18.68
CA THR A 36 -5.55 -13.63 -20.03
C THR A 36 -4.08 -13.38 -20.31
N LYS A 37 -3.24 -13.67 -19.32
CA LYS A 37 -1.80 -13.46 -19.40
C LYS A 37 -1.47 -12.01 -19.75
N THR A 38 -2.07 -11.09 -19.00
CA THR A 38 -1.85 -9.66 -19.19
C THR A 38 -1.59 -8.98 -17.84
N THR A 39 -1.11 -7.74 -17.92
CA THR A 39 -0.91 -6.90 -16.75
C THR A 39 -1.58 -5.55 -17.00
N SER A 40 -1.96 -4.87 -15.92
CA SER A 40 -2.66 -3.59 -16.04
C SER A 40 -2.43 -2.73 -14.81
N TRP A 41 -2.44 -1.42 -14.98
CA TRP A 41 -2.36 -0.53 -13.84
C TRP A 41 -3.66 -0.52 -13.04
N LEU A 42 -4.75 -0.95 -13.69
CA LEU A 42 -6.06 -0.85 -13.06
C LEU A 42 -6.34 -1.99 -12.09
N ASP A 43 -6.67 -1.61 -10.86
CA ASP A 43 -7.16 -2.57 -9.85
C ASP A 43 -8.56 -3.07 -10.26
N PRO A 44 -8.69 -4.37 -10.57
CA PRO A 44 -10.00 -4.87 -11.01
C PRO A 44 -11.06 -4.73 -9.92
N ARG A 45 -10.63 -4.67 -8.66
CA ARG A 45 -11.55 -4.54 -7.54
C ARG A 45 -12.21 -3.17 -7.52
N LEU A 46 -11.59 -2.21 -8.20
CA LEU A 46 -12.01 -0.82 -8.17
C LEU A 46 -12.77 -0.40 -9.43
N ALA A 47 -13.02 -1.34 -10.34
CA ALA A 47 -13.72 -1.00 -11.59
C ALA A 47 -15.08 -0.38 -11.33
N LYS A 48 -15.40 0.68 -12.10
CA LYS A 48 -16.70 1.33 -11.99
C LYS A 48 -17.43 1.31 -13.34
N LYS A 49 -18.72 1.64 -13.33
CA LYS A 49 -19.50 1.61 -14.55
C LYS A 49 -18.91 2.59 -15.57
N ALA A 50 -18.88 2.17 -16.82
CA ALA A 50 -18.47 3.06 -17.89
C ALA A 50 -19.50 4.17 -18.06
N LYS A 51 -19.03 5.33 -18.48
CA LYS A 51 -19.93 6.44 -18.83
C LYS A 51 -19.40 7.10 -20.09
N PRO A 52 -20.29 7.37 -21.05
CA PRO A 52 -19.87 8.24 -22.14
C PRO A 52 -19.23 9.51 -21.60
N PRO A 53 -18.12 9.95 -22.21
CA PRO A 53 -17.39 11.07 -21.62
C PRO A 53 -18.22 12.34 -21.54
N GLU A 54 -19.11 12.56 -22.51
CA GLU A 54 -19.89 13.78 -22.52
C GLU A 54 -20.94 13.80 -21.40
N GLU A 55 -21.19 12.65 -20.78
CA GLU A 55 -22.19 12.59 -19.73
C GLU A 55 -21.59 12.79 -18.34
N CYS A 56 -20.29 13.05 -18.29
CA CYS A 56 -19.64 13.33 -17.01
C CYS A 56 -19.76 14.81 -16.67
N LYS A 57 -19.70 15.12 -15.38
CA LYS A 57 -19.73 16.50 -14.92
C LYS A 57 -18.40 17.17 -15.24
N GLU A 58 -18.38 18.50 -15.16
CA GLU A 58 -17.23 19.29 -15.56
C GLU A 58 -15.93 18.87 -14.89
N ASN A 59 -15.95 18.67 -13.57
CA ASN A 59 -14.73 18.35 -12.84
C ASN A 59 -14.59 16.85 -12.53
N GLU A 60 -15.25 16.03 -13.33
CA GLU A 60 -15.26 14.58 -13.16
C GLU A 60 -14.63 13.92 -14.38
N LEU A 61 -13.89 12.83 -14.19
CA LEU A 61 -13.41 12.07 -15.33
C LEU A 61 -14.11 10.73 -15.37
N PRO A 62 -14.26 10.15 -16.58
CA PRO A 62 -14.86 8.82 -16.60
C PRO A 62 -13.94 7.82 -15.93
N TYR A 63 -14.50 6.72 -15.46
CA TYR A 63 -13.64 5.68 -14.88
C TYR A 63 -12.56 5.24 -15.85
N GLY A 64 -11.35 5.03 -15.34
CA GLY A 64 -10.24 4.56 -16.14
C GLY A 64 -9.29 5.67 -16.58
N TRP A 65 -9.75 6.91 -16.47
CA TRP A 65 -8.90 8.05 -16.83
C TRP A 65 -8.14 8.63 -15.65
N GLU A 66 -6.96 9.15 -15.96
CA GLU A 66 -6.10 9.79 -14.98
C GLU A 66 -5.59 11.12 -15.54
N LYS A 67 -5.64 12.17 -14.72
CA LYS A 67 -5.06 13.46 -15.09
C LYS A 67 -3.63 13.50 -14.58
N ILE A 68 -2.69 13.82 -15.46
CA ILE A 68 -1.29 13.91 -15.05
C ILE A 68 -0.78 15.33 -15.20
N ASP A 69 -0.18 15.86 -14.14
CA ASP A 69 0.44 17.17 -14.25
C ASP A 69 1.94 17.00 -14.25
N ASP A 70 2.52 17.02 -15.45
CA ASP A 70 3.95 16.82 -15.63
C ASP A 70 4.68 18.16 -15.55
N PRO A 71 5.69 18.25 -14.67
CA PRO A 71 6.47 19.48 -14.51
C PRO A 71 7.12 19.93 -15.81
N ILE A 72 7.53 18.99 -16.64
CA ILE A 72 8.22 19.31 -17.88
C ILE A 72 7.29 19.30 -19.10
N TYR A 73 6.31 18.41 -19.10
CA TYR A 73 5.48 18.23 -20.30
C TYR A 73 4.07 18.78 -20.13
N GLY A 74 3.75 19.25 -18.93
CA GLY A 74 2.47 19.89 -18.68
C GLY A 74 1.38 18.89 -18.38
N THR A 75 0.15 19.37 -18.37
CA THR A 75 -1.02 18.55 -18.07
C THR A 75 -1.43 17.70 -19.28
N TYR A 76 -1.74 16.43 -19.05
CA TYR A 76 -2.36 15.61 -20.08
C TYR A 76 -3.20 14.52 -19.44
N TYR A 77 -3.91 13.76 -20.27
CA TYR A 77 -4.87 12.80 -19.76
C TYR A 77 -4.52 11.43 -20.24
N VAL A 78 -4.67 10.45 -19.36
CA VAL A 78 -4.30 9.06 -19.64
C VAL A 78 -5.51 8.16 -19.51
N ASP A 79 -5.79 7.39 -20.55
CA ASP A 79 -6.90 6.44 -20.55
C ASP A 79 -6.31 5.07 -20.33
N HIS A 80 -6.52 4.51 -19.14
CA HIS A 80 -5.93 3.21 -18.80
C HIS A 80 -6.71 2.02 -19.35
N ILE A 81 -7.94 2.24 -19.78
CA ILE A 81 -8.72 1.18 -20.40
C ILE A 81 -8.20 0.89 -21.80
N ASN A 82 -8.08 1.96 -22.60
CA ASN A 82 -7.63 1.85 -23.98
C ASN A 82 -6.15 2.15 -24.20
N ARG A 83 -5.46 2.54 -23.13
CA ARG A 83 -4.02 2.83 -23.15
C ARG A 83 -3.68 3.93 -24.14
N ARG A 84 -4.31 5.08 -23.94
CA ARG A 84 -4.13 6.26 -24.79
C ARG A 84 -3.69 7.44 -23.95
N THR A 85 -3.03 8.41 -24.55
CA THR A 85 -2.76 9.67 -23.86
C THR A 85 -3.16 10.80 -24.79
N GLN A 86 -3.63 11.90 -24.23
CA GLN A 86 -4.06 13.04 -25.04
C GLN A 86 -3.98 14.32 -24.24
N PHE A 87 -3.85 15.45 -24.93
CA PHE A 87 -3.79 16.74 -24.27
C PHE A 87 -5.17 17.22 -23.80
N GLU A 88 -6.19 17.04 -24.62
CA GLU A 88 -7.48 17.58 -24.27
C GLU A 88 -8.18 16.77 -23.18
N ASN A 89 -8.79 17.48 -22.23
CA ASN A 89 -9.64 16.80 -21.25
C ASN A 89 -10.74 16.06 -22.01
N PRO A 90 -10.87 14.74 -21.78
CA PRO A 90 -11.77 13.95 -22.63
C PRO A 90 -13.24 14.30 -22.49
N VAL A 91 -13.63 14.77 -21.31
CA VAL A 91 -15.00 15.17 -21.05
C VAL A 91 -15.29 16.46 -21.79
N LEU A 92 -14.36 17.40 -21.68
CA LEU A 92 -14.50 18.66 -22.41
C LEU A 92 -14.48 18.40 -23.91
N GLU A 93 -13.63 17.48 -24.35
CA GLU A 93 -13.53 17.16 -25.77
C GLU A 93 -14.84 16.62 -26.32
N ALA A 94 -15.43 15.68 -25.60
CA ALA A 94 -16.67 15.07 -26.03
C ALA A 94 -17.79 16.10 -26.11
N LYS A 95 -17.92 16.91 -25.06
CA LYS A 95 -18.93 17.96 -25.06
C LYS A 95 -18.71 18.94 -26.20
N ARG A 96 -17.45 19.30 -26.44
CA ARG A 96 -17.10 20.21 -27.53
C ARG A 96 -17.52 19.68 -28.89
N LYS A 97 -17.19 18.42 -29.16
CA LYS A 97 -17.46 17.84 -30.48
C LYS A 97 -18.93 17.55 -30.71
N LEU A 98 -19.69 17.36 -29.63
CA LEU A 98 -21.12 17.12 -29.75
C LEU A 98 -21.94 18.42 -29.70
N GLN A 99 -21.36 19.46 -29.10
CA GLN A 99 -22.06 20.74 -28.92
C GLN A 99 -22.53 21.33 -30.24
N SER B 4 1.55 10.65 -2.04
CA SER B 4 1.52 11.73 -1.04
C SER B 4 2.74 12.62 -1.15
N GLU B 5 2.66 13.80 -0.53
CA GLU B 5 3.68 14.83 -0.71
C GLU B 5 4.91 14.64 0.19
N PHE B 6 4.77 13.85 1.25
CA PHE B 6 5.88 13.67 2.18
C PHE B 6 6.95 12.77 1.55
N GLU B 7 8.17 13.29 1.47
CA GLU B 7 9.28 12.62 0.80
C GLU B 7 8.87 12.20 -0.61
N GLU B 8 8.17 13.10 -1.30
CA GLU B 8 7.54 12.81 -2.58
C GLU B 8 8.54 12.49 -3.69
N ASN B 9 9.69 13.15 -3.66
CA ASN B 9 10.71 12.95 -4.67
C ASN B 9 11.30 11.54 -4.62
N GLU B 10 11.20 10.92 -3.45
CA GLU B 10 11.75 9.59 -3.23
C GLU B 10 10.78 8.52 -3.71
N ASP B 11 11.30 7.50 -4.40
CA ASP B 11 10.45 6.40 -4.82
C ASP B 11 10.32 5.43 -3.66
N SER B 12 9.11 4.89 -3.47
CA SER B 12 8.90 3.95 -2.38
C SER B 12 9.49 2.59 -2.74
N ASP B 13 10.03 1.89 -1.75
CA ASP B 13 10.53 0.54 -1.96
C ASP B 13 9.36 -0.38 -2.26
N PRO B 14 9.54 -1.31 -3.21
CA PRO B 14 8.47 -2.25 -3.55
C PRO B 14 8.13 -3.21 -2.43
N LEU B 15 6.84 -3.33 -2.13
CA LEU B 15 6.33 -4.42 -1.32
C LEU B 15 6.51 -5.74 -2.06
N PRO B 16 6.50 -6.86 -1.32
CA PRO B 16 6.59 -8.16 -2.00
C PRO B 16 5.33 -8.45 -2.79
N ASP B 17 5.37 -9.39 -3.74
CA ASP B 17 4.18 -9.75 -4.49
C ASP B 17 3.03 -10.07 -3.56
N ASN B 18 1.85 -9.61 -3.95
CA ASN B 18 0.59 -9.96 -3.31
C ASN B 18 0.44 -9.38 -1.92
N TRP B 19 1.23 -8.36 -1.64
CA TRP B 19 1.02 -7.53 -0.47
C TRP B 19 0.39 -6.22 -0.88
N GLU B 20 -0.26 -5.55 0.06
CA GLU B 20 -0.68 -4.19 -0.19
C GLU B 20 -0.80 -3.40 1.11
N MET B 21 -0.55 -2.10 0.98
CA MET B 21 -0.73 -1.16 2.05
C MET B 21 -2.20 -0.78 2.16
N ALA B 22 -2.73 -0.79 3.38
CA ALA B 22 -4.11 -0.34 3.61
C ALA B 22 -4.17 0.64 4.79
N TYR B 23 -5.35 1.23 5.01
CA TYR B 23 -5.51 2.24 6.04
C TYR B 23 -6.69 1.97 6.96
N THR B 24 -6.49 2.26 8.25
CA THR B 24 -7.55 2.15 9.24
C THR B 24 -8.48 3.36 9.10
N GLU B 25 -9.57 3.36 9.85
CA GLU B 25 -10.48 4.51 9.85
C GLU B 25 -9.77 5.77 10.34
N LYS B 26 -8.73 5.59 11.13
CA LYS B 26 -7.94 6.71 11.66
C LYS B 26 -6.78 7.07 10.74
N GLY B 27 -6.78 6.54 9.52
CA GLY B 27 -5.74 6.82 8.56
C GLY B 27 -4.38 6.26 8.92
N GLU B 28 -4.37 5.18 9.70
CA GLU B 28 -3.12 4.54 10.08
C GLU B 28 -2.83 3.40 9.13
N VAL B 29 -1.57 3.28 8.73
CA VAL B 29 -1.18 2.25 7.79
C VAL B 29 -1.07 0.87 8.42
N TYR B 30 -1.56 -0.14 7.72
CA TYR B 30 -1.26 -1.53 8.05
C TYR B 30 -1.05 -2.30 6.77
N PHE B 31 -0.65 -3.57 6.89
CA PHE B 31 -0.22 -4.32 5.72
C PHE B 31 -1.04 -5.58 5.54
N ILE B 32 -1.46 -5.78 4.30
CA ILE B 32 -2.26 -6.93 3.94
C ILE B 32 -1.44 -7.92 3.15
N ASP B 33 -1.33 -9.13 3.68
CA ASP B 33 -0.60 -10.20 3.01
C ASP B 33 -1.57 -11.13 2.34
N HIS B 34 -1.84 -10.93 1.05
CA HIS B 34 -2.78 -11.81 0.35
C HIS B 34 -2.25 -13.23 0.16
N ASN B 35 -0.94 -13.43 0.29
CA ASN B 35 -0.39 -14.78 0.19
C ASN B 35 -0.91 -15.71 1.28
N THR B 36 -1.11 -15.15 2.46
CA THR B 36 -1.56 -15.94 3.61
C THR B 36 -2.94 -15.52 4.14
N LYS B 37 -3.52 -14.51 3.51
CA LYS B 37 -4.78 -13.91 3.94
C LYS B 37 -4.72 -13.45 5.40
N THR B 38 -3.69 -12.67 5.72
CA THR B 38 -3.50 -12.16 7.07
C THR B 38 -3.17 -10.67 6.99
N THR B 39 -3.28 -9.97 8.11
CA THR B 39 -2.88 -8.57 8.17
C THR B 39 -1.93 -8.36 9.35
N SER B 40 -1.09 -7.33 9.27
CA SER B 40 -0.11 -7.05 10.32
C SER B 40 0.23 -5.58 10.34
N TRP B 41 0.63 -5.07 11.49
CA TRP B 41 1.16 -3.70 11.56
C TRP B 41 2.58 -3.60 10.99
N LEU B 42 3.28 -4.74 10.94
CA LEU B 42 4.67 -4.76 10.49
C LEU B 42 4.81 -4.64 8.97
N ASP B 43 5.53 -3.62 8.55
CA ASP B 43 5.95 -3.44 7.16
C ASP B 43 7.01 -4.48 6.83
N PRO B 44 6.73 -5.41 5.90
CA PRO B 44 7.73 -6.47 5.61
C PRO B 44 9.03 -5.92 5.00
N ARG B 45 8.96 -4.74 4.40
CA ARG B 45 10.15 -4.10 3.86
C ARG B 45 11.16 -3.71 4.94
N LEU B 46 10.68 -3.55 6.17
CA LEU B 46 11.54 -3.05 7.26
C LEU B 46 12.05 -4.18 8.16
N ALA B 47 11.78 -5.42 7.77
CA ALA B 47 12.10 -6.57 8.62
C ALA B 47 13.60 -6.63 8.84
N LYS B 48 14.01 -6.94 10.08
CA LYS B 48 15.43 -7.05 10.38
C LYS B 48 15.71 -8.42 10.96
N LYS B 49 16.99 -8.79 11.03
CA LYS B 49 17.36 -10.09 11.55
C LYS B 49 16.95 -10.23 13.00
N ALA B 50 16.39 -11.39 13.32
CA ALA B 50 15.98 -11.72 14.67
C ALA B 50 17.19 -11.92 15.56
N LYS B 51 17.06 -11.52 16.82
CA LYS B 51 18.14 -11.67 17.79
C LYS B 51 17.55 -12.10 19.14
N PRO B 52 18.16 -13.09 19.79
CA PRO B 52 17.73 -13.43 21.15
C PRO B 52 17.78 -12.18 22.03
N PRO B 53 16.77 -11.98 22.87
CA PRO B 53 16.72 -10.74 23.64
C PRO B 53 17.92 -10.58 24.58
N GLU B 54 18.48 -11.67 25.08
CA GLU B 54 19.59 -11.53 26.01
C GLU B 54 20.87 -11.08 25.31
N GLU B 55 20.86 -11.10 23.98
CA GLU B 55 22.03 -10.69 23.20
C GLU B 55 21.95 -9.22 22.79
N CYS B 56 20.87 -8.56 23.19
CA CYS B 56 20.69 -7.15 22.89
C CYS B 56 21.42 -6.26 23.91
N LYS B 57 21.86 -5.09 23.47
CA LYS B 57 22.33 -4.07 24.39
C LYS B 57 21.19 -3.54 25.26
N GLU B 58 21.54 -2.90 26.36
CA GLU B 58 20.56 -2.45 27.36
C GLU B 58 19.47 -1.55 26.78
N ASN B 59 19.83 -0.68 25.83
CA ASN B 59 18.85 0.24 25.25
C ASN B 59 18.35 -0.22 23.89
N GLU B 60 18.59 -1.49 23.59
CA GLU B 60 18.21 -2.08 22.31
C GLU B 60 17.04 -3.02 22.51
N LEU B 61 16.11 -3.04 21.57
CA LEU B 61 15.07 -4.04 21.56
C LEU B 61 15.23 -4.91 20.31
N PRO B 62 14.84 -6.19 20.40
CA PRO B 62 14.91 -7.02 19.21
C PRO B 62 13.91 -6.53 18.19
N TYR B 63 14.13 -6.82 16.91
CA TYR B 63 13.14 -6.44 15.90
C TYR B 63 11.77 -7.04 16.26
N GLY B 64 10.73 -6.22 16.14
CA GLY B 64 9.37 -6.65 16.41
C GLY B 64 8.84 -6.14 17.73
N TRP B 65 9.74 -5.84 18.65
CA TRP B 65 9.34 -5.27 19.94
C TRP B 65 9.31 -3.75 19.85
N GLU B 66 8.38 -3.13 20.56
CA GLU B 66 8.39 -1.67 20.68
C GLU B 66 8.00 -1.28 22.09
N LYS B 67 8.61 -0.19 22.58
CA LYS B 67 8.34 0.31 23.90
C LYS B 67 7.26 1.39 23.82
N ILE B 68 6.22 1.24 24.63
CA ILE B 68 5.09 2.16 24.62
C ILE B 68 5.00 2.94 25.92
N ASP B 69 4.90 4.26 25.81
CA ASP B 69 4.70 5.12 26.96
C ASP B 69 3.22 5.50 27.04
N ASP B 70 2.48 4.80 27.88
CA ASP B 70 1.04 5.00 28.01
C ASP B 70 0.72 5.91 29.19
N PRO B 71 -0.08 6.97 28.95
CA PRO B 71 -0.46 7.93 30.00
C PRO B 71 -1.15 7.29 31.20
N ILE B 72 -1.95 6.25 30.96
CA ILE B 72 -2.75 5.64 32.01
C ILE B 72 -2.09 4.41 32.64
N TYR B 73 -1.62 3.50 31.80
CA TYR B 73 -1.11 2.21 32.26
C TYR B 73 0.40 2.24 32.45
N GLY B 74 1.06 3.26 31.91
CA GLY B 74 2.49 3.42 32.09
C GLY B 74 3.30 2.78 30.98
N THR B 75 4.60 2.61 31.22
CA THR B 75 5.49 2.01 30.24
C THR B 75 5.27 0.50 30.13
N TYR B 76 5.07 0.03 28.91
CA TYR B 76 5.05 -1.40 28.69
C TYR B 76 5.63 -1.70 27.31
N TYR B 77 5.71 -2.99 26.99
CA TYR B 77 6.34 -3.38 25.75
C TYR B 77 5.38 -4.22 24.92
N VAL B 78 5.44 -4.02 23.61
CA VAL B 78 4.56 -4.69 22.67
C VAL B 78 5.38 -5.53 21.70
N ASP B 79 5.00 -6.80 21.60
CA ASP B 79 5.63 -7.75 20.70
C ASP B 79 4.73 -7.93 19.49
N HIS B 80 5.12 -7.36 18.35
CA HIS B 80 4.31 -7.46 17.13
C HIS B 80 4.46 -8.77 16.38
N ILE B 81 5.42 -9.60 16.78
CA ILE B 81 5.56 -10.90 16.16
C ILE B 81 4.55 -11.86 16.77
N ASN B 82 4.55 -11.93 18.11
CA ASN B 82 3.65 -12.83 18.83
C ASN B 82 2.41 -12.15 19.39
N ARG B 83 2.24 -10.87 19.07
CA ARG B 83 1.02 -10.12 19.40
C ARG B 83 0.66 -10.21 20.87
N ARG B 84 1.57 -9.74 21.71
CA ARG B 84 1.36 -9.76 23.14
C ARG B 84 1.93 -8.49 23.75
N THR B 85 1.58 -8.22 24.99
CA THR B 85 2.07 -7.05 25.70
C THR B 85 2.52 -7.45 27.09
N GLN B 86 3.51 -6.74 27.62
CA GLN B 86 4.01 -7.02 28.96
C GLN B 86 4.72 -5.79 29.55
N PHE B 87 4.79 -5.74 30.87
CA PHE B 87 5.40 -4.59 31.54
C PHE B 87 6.91 -4.67 31.53
N GLU B 88 7.44 -5.87 31.74
CA GLU B 88 8.89 -6.04 31.84
C GLU B 88 9.56 -5.91 30.48
N ASN B 89 10.60 -5.09 30.41
CA ASN B 89 11.47 -5.02 29.23
C ASN B 89 11.96 -6.42 28.90
N PRO B 90 11.71 -6.89 27.67
CA PRO B 90 12.06 -8.26 27.28
C PRO B 90 13.56 -8.55 27.32
N VAL B 91 14.39 -7.54 27.07
CA VAL B 91 15.82 -7.75 27.12
C VAL B 91 16.28 -7.91 28.57
N LEU B 92 15.80 -7.04 29.45
CA LEU B 92 16.10 -7.14 30.87
C LEU B 92 15.58 -8.46 31.42
N GLU B 93 14.37 -8.84 31.01
CA GLU B 93 13.76 -10.11 31.39
C GLU B 93 14.66 -11.30 31.08
N ALA B 94 15.08 -11.39 29.82
CA ALA B 94 15.93 -12.46 29.34
C ALA B 94 17.25 -12.50 30.08
N LYS B 95 17.88 -11.34 30.23
CA LYS B 95 19.13 -11.24 30.98
C LYS B 95 18.93 -11.65 32.44
N ARG B 96 17.81 -11.24 33.02
CA ARG B 96 17.51 -11.56 34.42
C ARG B 96 17.53 -13.06 34.65
N LYS B 97 17.08 -13.82 33.66
CA LYS B 97 17.14 -15.27 33.72
C LYS B 97 18.43 -15.83 33.14
N LEU B 98 19.19 -15.01 32.40
CA LEU B 98 20.32 -15.55 31.64
C LEU B 98 21.55 -14.64 31.45
N GLN B 99 21.63 -13.52 32.19
CA GLN B 99 22.77 -12.60 32.04
C GLN B 99 22.86 -11.60 33.18
N ASP C 5 2.66 17.00 -32.80
CA ASP C 5 3.05 16.95 -31.39
C ASP C 5 2.11 16.09 -30.58
N ARG C 6 2.64 15.40 -29.59
CA ARG C 6 1.84 14.48 -28.79
C ARG C 6 2.35 14.45 -27.35
N PRO C 7 1.46 14.10 -26.40
CA PRO C 7 1.88 13.99 -25.00
C PRO C 7 2.81 12.81 -24.81
N PRO C 8 3.35 12.63 -23.60
CA PRO C 8 4.13 11.42 -23.32
C PRO C 8 3.35 10.18 -23.71
N PRO C 9 4.02 9.17 -24.28
CA PRO C 9 3.28 7.98 -24.70
C PRO C 9 2.76 7.23 -23.48
N TYR C 10 1.81 6.33 -23.68
CA TYR C 10 1.35 5.51 -22.58
C TYR C 10 2.52 4.72 -22.00
N VAL C 11 2.63 4.73 -20.68
CA VAL C 11 3.63 3.93 -19.98
C VAL C 11 2.96 2.70 -19.40
N ALA C 12 3.26 1.54 -19.96
CA ALA C 12 2.62 0.30 -19.55
C ALA C 12 3.26 -0.23 -18.28
N PRO C 13 2.52 -1.06 -17.52
CA PRO C 13 3.10 -1.78 -16.40
C PRO C 13 4.08 -2.84 -16.90
N PRO C 14 4.84 -3.47 -15.99
CA PRO C 14 5.75 -4.52 -16.46
C PRO C 14 5.01 -5.59 -17.25
N SER C 15 5.66 -6.17 -18.25
CA SER C 15 5.01 -7.18 -19.09
C SER C 15 4.73 -8.44 -18.27
N TYR C 16 3.69 -9.17 -18.69
CA TYR C 16 3.33 -10.44 -18.05
C TYR C 16 4.49 -11.43 -18.11
N GLU C 17 4.85 -12.01 -16.96
CA GLU C 17 5.98 -12.93 -16.89
C GLU C 17 5.52 -14.36 -16.66
N ASP D 5 -2.55 -5.13 36.96
CA ASP D 5 -1.61 -6.23 37.09
C ASP D 5 -1.05 -6.63 35.73
N ARG D 6 -1.84 -6.42 34.69
CA ARG D 6 -1.43 -6.72 33.31
C ARG D 6 -1.60 -5.47 32.44
N PRO D 7 -0.76 -5.34 31.39
CA PRO D 7 -0.80 -4.20 30.47
C PRO D 7 -2.00 -4.27 29.53
N PRO D 8 -2.28 -3.17 28.81
CA PRO D 8 -3.34 -3.23 27.80
C PRO D 8 -3.11 -4.37 26.83
N PRO D 9 -4.18 -5.08 26.45
CA PRO D 9 -4.05 -6.15 25.45
C PRO D 9 -3.51 -5.63 24.11
N TYR D 10 -2.93 -6.53 23.33
CA TYR D 10 -2.45 -6.20 22.00
C TYR D 10 -3.60 -5.70 21.14
N VAL D 11 -3.38 -4.60 20.42
CA VAL D 11 -4.37 -4.09 19.48
C VAL D 11 -4.03 -4.53 18.06
N ALA D 12 -4.84 -5.41 17.50
CA ALA D 12 -4.61 -5.91 16.16
C ALA D 12 -4.99 -4.87 15.10
N PRO D 13 -4.40 -4.98 13.91
CA PRO D 13 -4.90 -4.23 12.75
C PRO D 13 -6.26 -4.80 12.33
N PRO D 14 -6.91 -4.16 11.35
CA PRO D 14 -8.14 -4.71 10.79
C PRO D 14 -7.92 -6.13 10.26
N SER D 15 -8.90 -7.01 10.45
CA SER D 15 -8.78 -8.36 9.95
C SER D 15 -8.80 -8.40 8.43
N TYR D 16 -8.27 -9.48 7.89
CA TYR D 16 -8.34 -9.75 6.48
C TYR D 16 -9.80 -10.01 6.12
N GLU D 17 -10.33 -9.30 5.13
CA GLU D 17 -11.69 -9.55 4.66
C GLU D 17 -11.77 -9.45 3.14
C ACT E . -4.93 15.57 -28.22
O ACT E . -5.91 15.89 -27.51
OXT ACT E . -3.86 15.19 -27.65
CH3 ACT E . -5.02 15.60 -29.72
S SO4 F . 5.64 4.03 1.46
O1 SO4 F . 4.43 4.78 1.82
O2 SO4 F . 5.35 3.02 0.45
O3 SO4 F . 6.59 5.04 0.96
O4 SO4 F . 6.17 3.44 2.69
C ACT G . 11.30 -13.07 26.00
O ACT G . 10.09 -12.86 25.73
OXT ACT G . 11.81 -14.09 25.49
CH3 ACT G . 12.09 -12.15 26.89
#